data_5FHN
#
_entry.id   5FHN
#
_cell.length_a   137.110
_cell.length_b   46.380
_cell.length_c   46.030
_cell.angle_alpha   90.000
_cell.angle_beta   92.210
_cell.angle_gamma   90.000
#
_symmetry.space_group_name_H-M   'C 1 2 1'
#
loop_
_entity.id
_entity.type
_entity.pdbx_description
1 polymer 'Glutamate receptor 2,Glutamate receptor 2'
2 non-polymer 'SULFATE ION'
3 non-polymer GLYCEROL
4 non-polymer 'ACETATE ION'
5 non-polymer '(S)-2-Amino-3-(5-(2-(3-methylbenzyl)-2H-tetrazol-5-yl)-3-hydroxyisoxazol-4-yl)propanoic acid'
6 non-polymer 1,2-ETHANEDIOL
7 water water
#
_entity_poly.entity_id   1
_entity_poly.type   'polypeptide(L)'
_entity_poly.pdbx_seq_one_letter_code
;GANKTVVVTTILESPYVMMKKNHEMLEGNERYEGYCVDLAAEIAKHCGFKYKLTIVGDGKYGARDADTKIWNGMVGELVY
GKADIAIAPLTITLVREEVIDFSKPFMSLGISIMIKKGTPIESAEDLSKQTEIAYGTLDSGSTKEFFRRSKIAVFDKMWT
YMRSAEPSVFVRTTAEGVARVRKSKGKYAYLLESTMNEYIEQRKPCDTMKVGGNLDSKGYGIATPKGSSLGNAVNLAVLK
LNEQGLLDKLKNKWWYDKGECGSG
;
_entity_poly.pdbx_strand_id   A
#
loop_
_chem_comp.id
_chem_comp.type
_chem_comp.name
_chem_comp.formula
5XO non-polymer '(S)-2-Amino-3-(5-(2-(3-methylbenzyl)-2H-tetrazol-5-yl)-3-hydroxyisoxazol-4-yl)propanoic acid' 'C15 H16 N6 O4'
ACT non-polymer 'ACETATE ION' 'C2 H3 O2 -1'
EDO non-polymer 1,2-ETHANEDIOL 'C2 H6 O2'
GOL non-polymer GLYCEROL 'C3 H8 O3'
SO4 non-polymer 'SULFATE ION' 'O4 S -2'
#
# COMPACT_ATOMS: atom_id res chain seq x y z
N THR A 5 10.19 24.56 0.57
CA THR A 5 9.73 23.50 1.47
C THR A 5 8.80 22.53 0.73
N VAL A 6 9.23 21.28 0.68
CA VAL A 6 8.55 20.25 -0.10
C VAL A 6 7.38 19.67 0.70
N VAL A 7 6.19 19.68 0.12
CA VAL A 7 5.02 19.09 0.77
C VAL A 7 4.94 17.61 0.40
N VAL A 8 5.05 16.75 1.42
CA VAL A 8 5.00 15.30 1.27
C VAL A 8 3.60 14.83 1.60
N THR A 9 3.01 14.03 0.72
CA THR A 9 1.79 13.32 1.08
C THR A 9 2.14 11.87 1.40
N THR A 10 1.46 11.34 2.40
CA THR A 10 1.63 9.96 2.83
C THR A 10 0.32 9.50 3.46
N ILE A 11 0.32 8.26 3.95
CA ILE A 11 -0.93 7.67 4.41
C ILE A 11 -0.66 7.01 5.76
N LEU A 12 -1.65 7.10 6.65
CA LEU A 12 -1.43 6.66 8.03
C LEU A 12 -1.67 5.15 8.10
N GLU A 13 -0.63 4.40 7.74
CA GLU A 13 -0.62 2.94 7.74
C GLU A 13 0.59 2.49 8.53
N SER A 14 0.38 1.73 9.60
CA SER A 14 1.48 1.15 10.36
C SER A 14 2.10 0.01 9.56
N PRO A 15 3.44 -0.09 9.54
CA PRO A 15 4.46 0.66 10.28
C PRO A 15 5.13 1.75 9.47
N TYR A 16 4.47 2.19 8.39
CA TYR A 16 5.06 3.20 7.53
C TYR A 16 4.95 4.59 8.15
N VAL A 17 3.78 4.93 8.67
CA VAL A 17 3.51 6.22 9.29
C VAL A 17 2.52 5.98 10.43
N MET A 18 2.88 6.47 11.62
CA MET A 18 2.09 6.31 12.84
C MET A 18 2.22 7.57 13.66
N MET A 19 1.18 7.86 14.46
CA MET A 19 1.30 8.94 15.43
C MET A 19 2.15 8.46 16.60
N LYS A 20 3.15 9.26 16.97
CA LYS A 20 3.90 9.01 18.20
C LYS A 20 2.97 9.03 19.40
N LYS A 21 3.33 8.24 20.42
CA LYS A 21 2.53 8.21 21.65
C LYS A 21 2.27 9.61 22.18
N ASN A 22 3.29 10.46 22.18
CA ASN A 22 3.18 11.79 22.77
C ASN A 22 2.97 12.86 21.72
N HIS A 23 2.29 12.51 20.62
CA HIS A 23 2.18 13.41 19.48
C HIS A 23 1.55 14.74 19.85
N GLU A 24 0.67 14.77 20.85
CA GLU A 24 0.02 16.01 21.23
C GLU A 24 1.01 17.05 21.74
N MET A 25 2.14 16.59 22.28
CA MET A 25 3.19 17.45 22.81
C MET A 25 4.17 17.89 21.73
N LEU A 26 4.01 17.40 20.52
CA LEU A 26 4.94 17.62 19.42
C LEU A 26 4.27 18.41 18.29
N GLU A 27 5.07 18.88 17.35
CA GLU A 27 4.56 19.67 16.25
C GLU A 27 5.18 19.19 14.95
N GLY A 28 4.47 19.52 13.86
CA GLY A 28 4.99 19.30 12.53
C GLY A 28 5.38 17.86 12.30
N ASN A 29 6.52 17.69 11.63
CA ASN A 29 6.95 16.34 11.29
C ASN A 29 7.25 15.50 12.52
N GLU A 30 7.52 16.13 13.66
CA GLU A 30 7.85 15.36 14.86
C GLU A 30 6.67 14.58 15.42
N ARG A 31 5.45 14.84 14.95
CA ARG A 31 4.30 14.10 15.43
C ARG A 31 4.31 12.66 14.98
N TYR A 32 5.02 12.35 13.90
CA TYR A 32 4.91 11.07 13.24
C TYR A 32 6.19 10.25 13.39
N GLU A 33 6.03 8.93 13.29
CA GLU A 33 7.17 8.02 13.25
C GLU A 33 6.83 6.86 12.32
N GLY A 34 7.89 6.18 11.82
CA GLY A 34 7.70 4.97 11.04
C GLY A 34 8.65 4.91 9.88
N TYR A 35 8.54 3.82 9.11
CA TYR A 35 9.41 3.59 7.98
C TYR A 35 9.42 4.77 7.00
N CYS A 36 8.24 5.25 6.60
CA CYS A 36 8.23 6.29 5.59
C CYS A 36 8.58 7.65 6.18
N VAL A 37 8.42 7.80 7.49
CA VAL A 37 8.88 9.03 8.13
C VAL A 37 10.40 9.09 8.09
N ASP A 38 11.06 7.97 8.43
CA ASP A 38 12.51 7.90 8.33
C ASP A 38 12.98 8.03 6.89
N LEU A 39 12.27 7.39 5.96
CA LEU A 39 12.67 7.47 4.55
C LEU A 39 12.57 8.91 4.05
N ALA A 40 11.49 9.62 4.42
CA ALA A 40 11.37 11.01 4.01
C ALA A 40 12.56 11.81 4.52
N ALA A 41 12.92 11.61 5.80
CA ALA A 41 14.04 12.35 6.36
C ALA A 41 15.33 12.04 5.62
N GLU A 42 15.56 10.77 5.28
CA GLU A 42 16.77 10.38 4.56
C GLU A 42 16.81 10.97 3.15
N ILE A 43 15.69 10.90 2.43
CA ILE A 43 15.62 11.46 1.08
CA ILE A 43 15.63 11.47 1.08
C ILE A 43 15.87 12.97 1.13
N ALA A 44 15.21 13.64 2.06
CA ALA A 44 15.40 15.08 2.20
C ALA A 44 16.84 15.43 2.57
N LYS A 45 17.47 14.65 3.43
CA LYS A 45 18.86 14.94 3.81
C LYS A 45 19.81 14.71 2.65
N HIS A 46 19.54 13.70 1.82
CA HIS A 46 20.41 13.42 0.68
C HIS A 46 20.24 14.48 -0.40
N CYS A 47 19.01 14.94 -0.61
CA CYS A 47 18.71 15.95 -1.61
C CYS A 47 18.85 17.38 -1.10
N GLY A 48 18.92 17.57 0.21
CA GLY A 48 19.00 18.90 0.78
C GLY A 48 17.78 19.77 0.58
N PHE A 49 16.60 19.29 0.99
CA PHE A 49 15.42 20.14 1.06
C PHE A 49 14.72 19.97 2.39
N LYS A 50 14.01 21.03 2.79
CA LYS A 50 13.07 21.00 3.91
C LYS A 50 11.71 20.50 3.43
N TYR A 51 10.97 19.87 4.34
CA TYR A 51 9.74 19.23 3.92
C TYR A 51 8.73 19.25 5.05
N LYS A 52 7.46 19.09 4.68
CA LYS A 52 6.33 19.02 5.58
C LYS A 52 5.53 17.76 5.28
N LEU A 53 5.45 16.86 6.25
CA LEU A 53 4.63 15.67 6.13
C LEU A 53 3.15 16.00 6.30
N THR A 54 2.34 15.50 5.37
CA THR A 54 0.89 15.64 5.43
C THR A 54 0.26 14.29 5.15
N ILE A 55 -0.90 14.06 5.75
CA ILE A 55 -1.66 12.83 5.55
C ILE A 55 -2.71 13.07 4.48
N VAL A 56 -2.71 12.21 3.45
CA VAL A 56 -3.65 12.31 2.33
C VAL A 56 -5.08 12.55 2.83
N GLY A 57 -5.67 13.64 2.31
CA GLY A 57 -6.95 14.10 2.85
C GLY A 57 -8.08 13.11 2.71
N ASP A 58 -8.16 12.45 1.56
CA ASP A 58 -9.27 11.54 1.30
C ASP A 58 -8.97 10.10 1.69
N GLY A 59 -7.80 9.81 2.24
CA GLY A 59 -7.49 8.51 2.79
C GLY A 59 -7.19 7.41 1.78
N LYS A 60 -7.05 7.76 0.51
CA LYS A 60 -6.91 6.78 -0.56
C LYS A 60 -5.52 6.77 -1.17
N TYR A 61 -5.18 5.62 -1.76
CA TYR A 61 -3.95 5.48 -2.51
C TYR A 61 -4.04 6.21 -3.84
N GLY A 62 -4.99 5.80 -4.69
CA GLY A 62 -5.30 6.64 -5.84
C GLY A 62 -5.75 5.85 -7.05
N ALA A 63 -6.89 6.27 -7.59
CA ALA A 63 -7.48 5.70 -8.79
C ALA A 63 -8.12 6.82 -9.59
N ARG A 64 -8.32 6.56 -10.87
CA ARG A 64 -8.99 7.49 -11.78
C ARG A 64 -10.48 7.16 -11.78
N ASP A 65 -11.28 8.11 -11.32
CA ASP A 65 -12.73 7.94 -11.34
C ASP A 65 -13.23 7.63 -12.73
N ALA A 66 -14.02 6.56 -12.85
CA ALA A 66 -14.45 6.11 -14.16
C ALA A 66 -15.33 7.15 -14.84
N ASP A 67 -16.11 7.90 -14.06
CA ASP A 67 -17.03 8.89 -14.63
C ASP A 67 -16.35 10.24 -14.88
N THR A 68 -15.74 10.81 -13.84
CA THR A 68 -15.16 12.15 -13.94
C THR A 68 -13.75 12.14 -14.52
N LYS A 69 -13.07 10.99 -14.52
CA LYS A 69 -11.69 10.84 -14.95
C LYS A 69 -10.73 11.65 -14.08
N ILE A 70 -11.18 12.03 -12.89
CA ILE A 70 -10.34 12.71 -11.91
C ILE A 70 -9.67 11.69 -11.00
N TRP A 71 -8.37 11.85 -10.80
CA TRP A 71 -7.60 11.04 -9.86
C TRP A 71 -7.86 11.44 -8.42
N ASN A 72 -7.99 10.44 -7.56
CA ASN A 72 -8.14 10.69 -6.13
C ASN A 72 -6.90 10.19 -5.40
N GLY A 73 -6.95 10.23 -4.07
CA GLY A 73 -5.87 9.68 -3.27
C GLY A 73 -4.58 10.49 -3.36
N MET A 74 -3.51 9.82 -2.98
CA MET A 74 -2.18 10.42 -3.06
C MET A 74 -1.83 10.77 -4.50
N VAL A 75 -2.24 9.92 -5.45
CA VAL A 75 -1.99 10.24 -6.86
C VAL A 75 -2.61 11.59 -7.19
N GLY A 76 -3.89 11.78 -6.87
CA GLY A 76 -4.55 13.03 -7.16
C GLY A 76 -3.92 14.22 -6.47
N GLU A 77 -3.45 14.03 -5.23
CA GLU A 77 -2.76 15.10 -4.53
C GLU A 77 -1.54 15.57 -5.30
N LEU A 78 -0.85 14.65 -5.95
CA LEU A 78 0.28 15.05 -6.79
C LEU A 78 -0.18 15.69 -8.11
N VAL A 79 -1.14 15.06 -8.79
CA VAL A 79 -1.53 15.54 -10.12
C VAL A 79 -2.06 16.96 -10.06
N TYR A 80 -2.85 17.28 -9.03
CA TYR A 80 -3.59 18.54 -9.01
C TYR A 80 -3.04 19.52 -7.99
N GLY A 81 -1.85 19.27 -7.45
CA GLY A 81 -1.06 20.30 -6.80
C GLY A 81 -1.13 20.42 -5.30
N LYS A 82 -1.83 19.52 -4.61
CA LYS A 82 -1.85 19.56 -3.15
C LYS A 82 -0.56 19.10 -2.51
N ALA A 83 0.24 18.29 -3.20
CA ALA A 83 1.50 17.82 -2.67
C ALA A 83 2.56 17.77 -3.77
N ASP A 84 3.82 17.84 -3.34
CA ASP A 84 4.97 17.84 -4.24
C ASP A 84 5.57 16.46 -4.44
N ILE A 85 5.33 15.55 -3.49
CA ILE A 85 5.97 14.24 -3.47
C ILE A 85 5.13 13.35 -2.59
N ALA A 86 5.02 12.09 -2.98
CA ALA A 86 4.41 11.05 -2.17
C ALA A 86 5.47 10.08 -1.69
N ILE A 87 5.52 9.87 -0.38
CA ILE A 87 6.46 8.93 0.23
C ILE A 87 5.63 7.98 1.08
N ALA A 88 5.29 6.83 0.51
CA ALA A 88 4.23 5.97 1.01
C ALA A 88 4.36 4.60 0.38
N PRO A 89 3.66 3.60 0.86
CA PRO A 89 3.60 2.31 0.13
C PRO A 89 2.65 2.40 -1.05
N LEU A 90 3.08 3.20 -2.04
CA LEU A 90 2.32 3.50 -3.24
C LEU A 90 2.86 2.65 -4.38
N THR A 91 2.02 1.77 -4.92
CA THR A 91 2.45 0.80 -5.90
C THR A 91 2.68 1.42 -7.27
N ILE A 92 3.79 1.04 -7.89
CA ILE A 92 4.17 1.51 -9.21
C ILE A 92 3.33 0.74 -10.22
N THR A 93 2.49 1.45 -10.96
CA THR A 93 1.69 0.84 -11.98
C THR A 93 1.73 1.67 -13.26
N LEU A 94 1.59 0.99 -14.40
CA LEU A 94 1.62 1.70 -15.67
C LEU A 94 0.51 2.74 -15.77
N VAL A 95 -0.70 2.44 -15.28
CA VAL A 95 -1.74 3.44 -15.40
C VAL A 95 -1.39 4.69 -14.59
N ARG A 96 -0.81 4.52 -13.41
CA ARG A 96 -0.39 5.68 -12.62
C ARG A 96 0.76 6.42 -13.30
N GLU A 97 1.63 5.69 -14.01
CA GLU A 97 2.74 6.34 -14.70
C GLU A 97 2.28 7.24 -15.84
N GLU A 98 1.03 7.11 -16.29
CA GLU A 98 0.51 8.08 -17.26
C GLU A 98 0.49 9.48 -16.69
N VAL A 99 0.36 9.62 -15.37
CA VAL A 99 0.16 10.94 -14.77
C VAL A 99 1.18 11.31 -13.70
N ILE A 100 1.92 10.37 -13.12
CA ILE A 100 2.97 10.73 -12.16
C ILE A 100 4.23 9.93 -12.49
N ASP A 101 5.34 10.37 -11.93
CA ASP A 101 6.62 9.68 -12.10
C ASP A 101 6.96 8.94 -10.82
N PHE A 102 7.56 7.77 -10.96
CA PHE A 102 8.01 6.98 -9.82
C PHE A 102 9.53 6.83 -9.84
N SER A 103 10.11 6.80 -8.65
CA SER A 103 11.48 6.36 -8.48
C SER A 103 11.59 4.86 -8.76
N LYS A 104 12.82 4.38 -8.78
CA LYS A 104 12.97 2.94 -8.71
C LYS A 104 12.38 2.45 -7.39
N PRO A 105 11.95 1.20 -7.32
CA PRO A 105 11.23 0.75 -6.13
C PRO A 105 12.13 0.70 -4.90
N PHE A 106 11.53 1.03 -3.75
CA PHE A 106 12.24 0.88 -2.49
C PHE A 106 11.81 -0.36 -1.71
N MET A 107 10.76 -1.03 -2.14
CA MET A 107 10.31 -2.27 -1.52
C MET A 107 9.51 -3.05 -2.55
N SER A 108 9.65 -4.38 -2.54
CA SER A 108 8.91 -5.25 -3.43
CA SER A 108 8.91 -5.25 -3.43
C SER A 108 7.64 -5.76 -2.77
N LEU A 109 6.68 -6.15 -3.61
CA LEU A 109 5.44 -6.76 -3.14
C LEU A 109 4.77 -7.47 -4.30
N GLY A 110 3.78 -8.30 -3.95
CA GLY A 110 2.85 -8.83 -4.93
C GLY A 110 1.46 -8.91 -4.33
N ILE A 111 0.45 -8.94 -5.20
CA ILE A 111 -0.90 -9.20 -4.74
C ILE A 111 -0.94 -10.59 -4.11
N SER A 112 -1.69 -10.69 -3.01
CA SER A 112 -1.73 -11.92 -2.25
C SER A 112 -3.11 -12.09 -1.63
N ILE A 113 -3.33 -13.25 -1.03
CA ILE A 113 -4.62 -13.60 -0.45
C ILE A 113 -4.45 -13.77 1.06
N MET A 114 -5.29 -13.05 1.83
CA MET A 114 -5.35 -13.22 3.28
C MET A 114 -6.61 -13.97 3.67
N ILE A 115 -6.45 -14.99 4.54
CA ILE A 115 -7.57 -15.76 5.06
C ILE A 115 -7.37 -15.95 6.56
N LYS A 116 -8.47 -16.24 7.23
CA LYS A 116 -8.39 -16.78 8.58
C LYS A 116 -7.71 -18.14 8.52
N LYS A 117 -6.73 -18.34 9.39
CA LYS A 117 -6.02 -19.61 9.45
C LYS A 117 -7.02 -20.75 9.53
N GLY A 118 -6.78 -21.80 8.73
CA GLY A 118 -7.66 -22.95 8.73
C GLY A 118 -8.76 -22.91 7.69
N THR A 119 -9.00 -21.77 7.06
CA THR A 119 -9.98 -21.69 5.99
C THR A 119 -9.55 -22.57 4.82
N PRO A 120 -10.54 -23.39 4.17
CA PRO A 120 -10.17 -24.40 3.14
C PRO A 120 -9.97 -23.81 1.75
N ILE A 121 -8.99 -22.93 1.63
CA ILE A 121 -8.69 -22.21 0.40
C ILE A 121 -7.18 -22.27 0.26
N GLU A 122 -6.69 -22.81 -0.86
CA GLU A 122 -5.26 -22.90 -1.09
C GLU A 122 -4.75 -21.97 -2.20
N SER A 123 -5.63 -21.31 -2.96
CA SER A 123 -5.22 -20.62 -4.16
C SER A 123 -6.30 -19.65 -4.62
N ALA A 124 -5.90 -18.72 -5.49
CA ALA A 124 -6.86 -17.88 -6.19
C ALA A 124 -7.89 -18.72 -6.92
N GLU A 125 -7.45 -19.76 -7.62
CA GLU A 125 -8.41 -20.56 -8.37
C GLU A 125 -9.45 -21.16 -7.44
N ASP A 126 -9.02 -21.60 -6.26
CA ASP A 126 -9.97 -22.13 -5.27
C ASP A 126 -11.03 -21.10 -4.93
N LEU A 127 -10.63 -19.85 -4.71
CA LEU A 127 -11.58 -18.78 -4.45
C LEU A 127 -12.54 -18.62 -5.62
N SER A 128 -11.98 -18.59 -6.82
CA SER A 128 -12.73 -18.24 -8.02
C SER A 128 -13.85 -19.21 -8.31
N LYS A 129 -13.72 -20.47 -7.89
CA LYS A 129 -14.68 -21.49 -8.27
C LYS A 129 -15.74 -21.72 -7.20
N GLN A 130 -15.89 -20.80 -6.25
CA GLN A 130 -16.90 -20.96 -5.21
C GLN A 130 -17.41 -19.57 -4.81
N THR A 131 -18.49 -19.56 -4.02
CA THR A 131 -19.03 -18.30 -3.50
C THR A 131 -19.32 -18.31 -2.01
N GLU A 132 -19.29 -19.47 -1.35
CA GLU A 132 -19.54 -19.51 0.09
C GLU A 132 -18.61 -18.57 0.84
N ILE A 133 -17.34 -18.53 0.45
CA ILE A 133 -16.35 -17.62 1.02
C ILE A 133 -16.31 -16.42 0.09
N ALA A 134 -16.81 -15.29 0.57
CA ALA A 134 -16.72 -14.04 -0.16
C ALA A 134 -15.29 -13.52 -0.18
N TYR A 135 -15.00 -12.64 -1.12
CA TYR A 135 -13.65 -12.13 -1.22
C TYR A 135 -13.68 -10.81 -1.98
N GLY A 136 -12.73 -9.96 -1.63
CA GLY A 136 -12.69 -8.63 -2.22
C GLY A 136 -11.39 -7.93 -1.95
N THR A 137 -11.38 -6.62 -2.23
CA THR A 137 -10.15 -5.86 -2.17
C THR A 137 -10.48 -4.39 -1.84
N LEU A 138 -9.44 -3.58 -1.85
CA LEU A 138 -9.51 -2.17 -1.45
C LEU A 138 -10.00 -1.27 -2.59
N ASP A 139 -10.95 -0.40 -2.29
CA ASP A 139 -11.35 0.63 -3.25
C ASP A 139 -10.20 1.60 -3.51
N SER A 140 -10.12 2.05 -4.76
CA SER A 140 -9.25 3.15 -5.17
C SER A 140 -7.77 2.79 -5.03
N GLY A 141 -7.43 1.52 -5.19
CA GLY A 141 -6.04 1.10 -5.15
C GLY A 141 -5.64 0.26 -6.35
N SER A 142 -4.39 -0.15 -6.32
CA SER A 142 -3.83 -0.85 -7.47
C SER A 142 -4.34 -2.29 -7.60
N THR A 143 -4.71 -2.97 -6.52
CA THR A 143 -5.18 -4.35 -6.65
C THR A 143 -6.51 -4.43 -7.37
N LYS A 144 -7.43 -3.52 -7.04
CA LYS A 144 -8.71 -3.50 -7.73
C LYS A 144 -8.53 -3.25 -9.23
N GLU A 145 -7.61 -2.34 -9.58
CA GLU A 145 -7.31 -2.04 -10.98
C GLU A 145 -6.73 -3.27 -11.68
N PHE A 146 -5.84 -3.98 -11.00
CA PHE A 146 -5.27 -5.21 -11.56
C PHE A 146 -6.36 -6.21 -11.92
N PHE A 147 -7.30 -6.42 -11.01
CA PHE A 147 -8.36 -7.39 -11.31
C PHE A 147 -9.27 -6.90 -12.41
N ARG A 148 -9.58 -5.59 -12.42
CA ARG A 148 -10.47 -5.04 -13.43
C ARG A 148 -9.88 -5.22 -14.82
N ARG A 149 -8.55 -5.15 -14.95
CA ARG A 149 -7.91 -5.19 -16.25
C ARG A 149 -7.43 -6.56 -16.65
N SER A 150 -7.44 -7.55 -15.76
CA SER A 150 -6.76 -8.79 -16.05
C SER A 150 -7.51 -9.61 -17.08
N LYS A 151 -6.74 -10.21 -17.98
CA LYS A 151 -7.26 -11.15 -18.96
C LYS A 151 -6.96 -12.60 -18.60
N ILE A 152 -6.35 -12.84 -17.44
CA ILE A 152 -6.15 -14.19 -16.93
C ILE A 152 -7.49 -14.76 -16.48
N ALA A 153 -7.80 -15.97 -16.95
CA ALA A 153 -9.14 -16.53 -16.72
C ALA A 153 -9.54 -16.50 -15.25
N VAL A 154 -8.67 -16.98 -14.35
CA VAL A 154 -9.01 -17.03 -12.93
C VAL A 154 -9.31 -15.63 -12.42
N PHE A 155 -8.43 -14.67 -12.75
CA PHE A 155 -8.57 -13.33 -12.19
C PHE A 155 -9.78 -12.62 -12.78
N ASP A 156 -10.07 -12.85 -14.07
CA ASP A 156 -11.27 -12.25 -14.66
C ASP A 156 -12.52 -12.86 -14.05
N LYS A 157 -12.50 -14.15 -13.74
CA LYS A 157 -13.62 -14.78 -13.05
C LYS A 157 -13.82 -14.15 -11.68
N MET A 158 -12.71 -13.92 -10.97
CA MET A 158 -12.78 -13.28 -9.67
C MET A 158 -13.34 -11.86 -9.80
N TRP A 159 -12.89 -11.11 -10.81
CA TRP A 159 -13.36 -9.74 -10.99
C TRP A 159 -14.85 -9.72 -11.31
N THR A 160 -15.31 -10.61 -12.19
CA THR A 160 -16.71 -10.64 -12.58
C THR A 160 -17.58 -10.90 -11.36
N TYR A 161 -17.11 -11.75 -10.44
CA TYR A 161 -17.81 -11.95 -9.18
C TYR A 161 -17.74 -10.71 -8.28
N MET A 162 -16.52 -10.16 -8.07
CA MET A 162 -16.36 -9.09 -7.08
C MET A 162 -17.13 -7.84 -7.49
N ARG A 163 -17.07 -7.49 -8.76
CA ARG A 163 -17.65 -6.21 -9.20
C ARG A 163 -19.15 -6.17 -9.05
N SER A 164 -19.82 -7.32 -8.98
CA SER A 164 -21.27 -7.35 -8.91
C SER A 164 -21.79 -7.97 -7.61
N ALA A 165 -20.93 -8.36 -6.68
CA ALA A 165 -21.38 -9.01 -5.46
C ALA A 165 -22.13 -8.02 -4.56
N GLU A 166 -23.19 -8.52 -3.94
CA GLU A 166 -23.98 -7.75 -2.99
C GLU A 166 -24.23 -8.62 -1.76
N PRO A 167 -23.99 -8.08 -0.55
CA PRO A 167 -23.43 -6.75 -0.30
C PRO A 167 -21.97 -6.65 -0.74
N SER A 168 -21.51 -5.41 -0.82
CA SER A 168 -20.20 -5.13 -1.40
C SER A 168 -19.11 -5.93 -0.73
N VAL A 169 -18.20 -6.47 -1.56
CA VAL A 169 -17.03 -7.14 -1.05
C VAL A 169 -15.82 -6.21 -0.96
N PHE A 170 -15.96 -4.96 -1.35
CA PHE A 170 -14.84 -4.04 -1.31
C PHE A 170 -14.79 -3.35 0.03
N VAL A 171 -13.60 -2.91 0.41
CA VAL A 171 -13.38 -2.16 1.64
C VAL A 171 -12.73 -0.81 1.32
N ARG A 172 -12.93 0.15 2.21
CA ARG A 172 -12.41 1.48 1.98
C ARG A 172 -10.99 1.69 2.52
N THR A 173 -10.57 0.89 3.51
CA THR A 173 -9.24 0.98 4.07
C THR A 173 -8.67 -0.43 4.19
N THR A 174 -7.33 -0.53 4.20
CA THR A 174 -6.71 -1.84 4.34
C THR A 174 -7.02 -2.44 5.71
N ALA A 175 -7.09 -1.61 6.75
CA ALA A 175 -7.41 -2.14 8.06
C ALA A 175 -8.79 -2.76 8.07
N GLU A 176 -9.75 -2.19 7.31
CA GLU A 176 -11.09 -2.75 7.24
C GLU A 176 -11.09 -4.11 6.57
N GLY A 177 -10.24 -4.28 5.56
CA GLY A 177 -10.10 -5.58 4.95
C GLY A 177 -9.64 -6.64 5.94
N VAL A 178 -8.58 -6.33 6.70
CA VAL A 178 -8.05 -7.27 7.68
C VAL A 178 -9.09 -7.55 8.76
N ALA A 179 -9.80 -6.52 9.22
CA ALA A 179 -10.82 -6.73 10.23
C ALA A 179 -11.94 -7.62 9.72
N ARG A 180 -12.29 -7.48 8.45
CA ARG A 180 -13.36 -8.30 7.88
C ARG A 180 -12.95 -9.77 7.78
N VAL A 181 -11.69 -10.03 7.43
CA VAL A 181 -11.18 -11.40 7.48
C VAL A 181 -11.39 -11.97 8.87
N ARG A 182 -11.01 -11.20 9.89
CA ARG A 182 -11.06 -11.69 11.25
C ARG A 182 -12.49 -11.86 11.74
N LYS A 183 -13.40 -10.97 11.37
CA LYS A 183 -14.75 -11.00 11.91
C LYS A 183 -15.65 -12.01 11.20
N SER A 184 -15.25 -12.48 10.04
CA SER A 184 -16.13 -13.28 9.19
CA SER A 184 -16.11 -13.28 9.17
C SER A 184 -16.01 -14.78 9.43
N LYS A 185 -15.16 -15.20 10.36
CA LYS A 185 -15.12 -16.61 10.76
C LYS A 185 -14.73 -17.51 9.60
N GLY A 186 -13.86 -17.02 8.73
CA GLY A 186 -13.45 -17.78 7.58
C GLY A 186 -14.29 -17.58 6.34
N LYS A 187 -15.28 -16.68 6.37
CA LYS A 187 -16.17 -16.52 5.23
C LYS A 187 -15.82 -15.29 4.37
N TYR A 188 -14.67 -14.66 4.62
CA TYR A 188 -14.17 -13.58 3.79
C TYR A 188 -12.67 -13.69 3.65
N ALA A 189 -12.20 -13.57 2.41
CA ALA A 189 -10.79 -13.50 2.09
C ALA A 189 -10.49 -12.15 1.50
N TYR A 190 -9.36 -11.58 1.86
CA TYR A 190 -9.02 -10.24 1.43
C TYR A 190 -7.82 -10.28 0.50
N LEU A 191 -7.96 -9.66 -0.67
CA LEU A 191 -6.88 -9.55 -1.65
C LEU A 191 -6.12 -8.26 -1.35
N LEU A 192 -4.85 -8.41 -0.95
CA LEU A 192 -4.04 -7.27 -0.49
C LEU A 192 -2.59 -7.57 -0.79
N GLU A 193 -1.75 -6.56 -0.63
CA GLU A 193 -0.36 -6.79 -0.99
C GLU A 193 0.39 -7.61 0.05
N SER A 194 1.38 -8.35 -0.43
CA SER A 194 2.10 -9.33 0.38
C SER A 194 2.81 -8.68 1.56
N THR A 195 3.18 -7.40 1.43
CA THR A 195 3.76 -6.64 2.53
C THR A 195 2.84 -6.64 3.74
N MET A 196 1.61 -6.15 3.56
CA MET A 196 0.69 -6.10 4.67
C MET A 196 0.32 -7.50 5.12
N ASN A 197 0.13 -8.41 4.16
CA ASN A 197 -0.27 -9.76 4.50
C ASN A 197 0.73 -10.41 5.45
N GLU A 198 2.02 -10.32 5.11
CA GLU A 198 3.07 -10.94 5.93
C GLU A 198 3.28 -10.19 7.24
N TYR A 199 3.18 -8.85 7.20
CA TYR A 199 3.29 -8.07 8.42
C TYR A 199 2.24 -8.47 9.44
N ILE A 200 0.99 -8.58 8.98
CA ILE A 200 -0.13 -8.93 9.87
C ILE A 200 -0.02 -10.37 10.32
N GLU A 201 0.41 -11.26 9.43
CA GLU A 201 0.53 -12.68 9.79
C GLU A 201 1.45 -12.88 11.00
N GLN A 202 2.43 -12.02 11.18
CA GLN A 202 3.42 -12.18 12.24
C GLN A 202 2.97 -11.58 13.58
N ARG A 203 1.79 -10.96 13.66
CA ARG A 203 1.39 -10.21 14.84
C ARG A 203 0.13 -10.78 15.46
N LYS A 204 0.05 -10.66 16.79
CA LYS A 204 -1.11 -11.09 17.56
C LYS A 204 -2.38 -10.51 16.94
N PRO A 205 -3.49 -11.27 16.97
CA PRO A 205 -3.64 -12.59 17.56
C PRO A 205 -3.21 -13.75 16.69
N CYS A 206 -2.48 -13.53 15.60
CA CYS A 206 -1.86 -14.64 14.88
C CYS A 206 -2.92 -15.55 14.28
N ASP A 207 -3.98 -14.96 13.73
CA ASP A 207 -5.12 -15.73 13.26
C ASP A 207 -5.31 -15.63 11.76
N THR A 208 -4.39 -14.97 11.06
CA THR A 208 -4.48 -14.83 9.61
C THR A 208 -3.27 -15.46 8.97
N MET A 209 -3.40 -15.74 7.67
CA MET A 209 -2.32 -16.35 6.91
C MET A 209 -2.40 -15.89 5.47
N LYS A 210 -1.23 -15.87 4.83
CA LYS A 210 -1.12 -15.69 3.40
C LYS A 210 -1.18 -17.05 2.75
N VAL A 211 -2.05 -17.21 1.76
CA VAL A 211 -2.20 -18.51 1.11
C VAL A 211 -1.84 -18.42 -0.36
N GLY A 212 -1.20 -19.46 -0.83
CA GLY A 212 -0.66 -19.45 -2.16
C GLY A 212 0.47 -18.46 -2.20
N GLY A 213 0.99 -18.29 -3.40
CA GLY A 213 2.03 -17.32 -3.64
C GLY A 213 1.39 -16.02 -4.03
N ASN A 214 2.24 -15.11 -4.50
CA ASN A 214 1.78 -13.84 -5.01
C ASN A 214 1.27 -13.97 -6.44
N LEU A 215 0.31 -13.09 -6.78
CA LEU A 215 -0.36 -13.10 -8.07
C LEU A 215 0.34 -12.23 -9.10
N ASP A 216 1.19 -11.32 -8.67
CA ASP A 216 2.01 -10.48 -9.55
C ASP A 216 3.25 -10.06 -8.76
N SER A 217 4.07 -9.22 -9.39
CA SER A 217 5.33 -8.79 -8.82
CA SER A 217 5.34 -8.80 -8.82
C SER A 217 5.52 -7.33 -9.16
N LYS A 218 5.51 -6.46 -8.14
CA LYS A 218 5.60 -5.03 -8.34
C LYS A 218 6.48 -4.43 -7.26
N GLY A 219 6.43 -3.10 -7.14
CA GLY A 219 7.20 -2.42 -6.13
C GLY A 219 6.49 -1.14 -5.72
N TYR A 220 6.89 -0.63 -4.56
CA TYR A 220 6.54 0.70 -4.11
C TYR A 220 7.61 1.68 -4.54
N GLY A 221 7.18 2.85 -4.98
CA GLY A 221 8.10 3.89 -5.39
C GLY A 221 7.71 5.24 -4.82
N ILE A 222 8.72 6.11 -4.75
CA ILE A 222 8.47 7.52 -4.42
CA ILE A 222 8.50 7.52 -4.43
C ILE A 222 7.95 8.21 -5.67
N ALA A 223 6.89 8.98 -5.52
CA ALA A 223 6.21 9.56 -6.65
C ALA A 223 6.26 11.09 -6.63
N THR A 224 6.36 11.66 -7.82
CA THR A 224 6.35 13.09 -8.04
C THR A 224 5.45 13.40 -9.22
N PRO A 225 4.93 14.61 -9.31
CA PRO A 225 4.14 14.96 -10.49
C PRO A 225 5.04 15.06 -11.71
N LYS A 226 4.45 14.82 -12.88
CA LYS A 226 5.21 14.96 -14.12
C LYS A 226 5.78 16.36 -14.25
N GLY A 227 7.05 16.43 -14.65
CA GLY A 227 7.76 17.69 -14.78
C GLY A 227 8.36 18.23 -13.51
N SER A 228 8.23 17.52 -12.40
CA SER A 228 8.77 18.01 -11.14
C SER A 228 10.27 18.16 -11.24
N SER A 229 10.76 19.29 -10.72
CA SER A 229 12.18 19.48 -10.58
C SER A 229 12.82 18.46 -9.63
N LEU A 230 12.01 17.76 -8.84
CA LEU A 230 12.52 16.88 -7.79
C LEU A 230 12.77 15.46 -8.26
N GLY A 231 12.13 15.05 -9.35
CA GLY A 231 12.13 13.64 -9.71
C GLY A 231 13.52 13.05 -9.82
N ASN A 232 14.41 13.72 -10.55
CA ASN A 232 15.73 13.16 -10.79
C ASN A 232 16.49 12.96 -9.48
N ALA A 233 16.51 13.99 -8.62
CA ALA A 233 17.29 13.90 -7.39
C ALA A 233 16.72 12.86 -6.44
N VAL A 234 15.38 12.77 -6.37
CA VAL A 234 14.72 11.77 -5.53
C VAL A 234 15.06 10.37 -6.02
N ASN A 235 15.07 10.15 -7.33
CA ASN A 235 15.41 8.80 -7.83
C ASN A 235 16.85 8.44 -7.50
N LEU A 236 17.77 9.38 -7.67
CA LEU A 236 19.15 9.13 -7.30
C LEU A 236 19.28 8.83 -5.81
N ALA A 237 18.52 9.54 -4.97
CA ALA A 237 18.55 9.30 -3.53
C ALA A 237 18.12 7.88 -3.20
N VAL A 238 17.03 7.42 -3.82
CA VAL A 238 16.54 6.07 -3.54
C VAL A 238 17.59 5.05 -3.92
N LEU A 239 18.23 5.24 -5.08
CA LEU A 239 19.22 4.28 -5.50
C LEU A 239 20.40 4.24 -4.54
N LYS A 240 20.81 5.40 -4.02
CA LYS A 240 21.93 5.44 -3.08
C LYS A 240 21.54 4.83 -1.74
N LEU A 241 20.33 5.12 -1.26
CA LEU A 241 19.88 4.54 -0.02
C LEU A 241 19.82 3.03 -0.11
N ASN A 242 19.32 2.51 -1.24
CA ASN A 242 19.29 1.07 -1.43
C ASN A 242 20.71 0.50 -1.41
N GLU A 243 21.60 1.10 -2.19
CA GLU A 243 22.95 0.58 -2.29
C GLU A 243 23.65 0.57 -0.95
N GLN A 244 23.37 1.55 -0.11
CA GLN A 244 24.00 1.70 1.19
C GLN A 244 23.33 0.85 2.27
N GLY A 245 22.33 0.07 1.93
CA GLY A 245 21.64 -0.76 2.90
C GLY A 245 20.68 -0.02 3.80
N LEU A 246 20.39 1.25 3.53
CA LEU A 246 19.50 2.00 4.40
C LEU A 246 18.07 1.48 4.35
N LEU A 247 17.63 1.00 3.19
CA LEU A 247 16.28 0.46 3.12
C LEU A 247 16.18 -0.85 3.89
N ASP A 248 17.24 -1.67 3.85
CA ASP A 248 17.28 -2.84 4.72
C ASP A 248 17.25 -2.44 6.19
N LYS A 249 17.98 -1.40 6.55
CA LYS A 249 17.98 -0.93 7.92
C LYS A 249 16.59 -0.51 8.36
N LEU A 250 15.86 0.21 7.51
CA LEU A 250 14.53 0.68 7.90
C LEU A 250 13.57 -0.49 8.05
N LYS A 251 13.65 -1.50 7.18
CA LYS A 251 12.80 -2.67 7.39
C LYS A 251 13.14 -3.37 8.71
N ASN A 252 14.43 -3.58 8.99
CA ASN A 252 14.80 -4.21 10.25
C ASN A 252 14.34 -3.39 11.46
N LYS A 253 14.29 -2.06 11.32
CA LYS A 253 13.87 -1.21 12.43
C LYS A 253 12.36 -1.30 12.69
N TRP A 254 11.56 -1.31 11.62
CA TRP A 254 10.13 -1.07 11.73
C TRP A 254 9.27 -2.31 11.56
N TRP A 255 9.83 -3.42 11.07
CA TRP A 255 8.97 -4.53 10.70
C TRP A 255 8.67 -5.49 11.83
N TYR A 256 9.56 -5.59 12.81
CA TYR A 256 9.48 -6.67 13.79
C TYR A 256 9.36 -6.07 15.18
N ASP A 257 8.26 -6.37 15.86
CA ASP A 257 8.00 -5.89 17.21
C ASP A 257 8.19 -7.01 18.21
N LYS A 258 8.42 -6.62 19.46
CA LYS A 258 8.45 -7.57 20.56
C LYS A 258 7.04 -8.03 20.89
N GLY A 259 6.96 -9.22 21.47
CA GLY A 259 5.69 -9.74 21.97
C GLY A 259 4.71 -10.15 20.91
N GLU A 260 5.17 -10.43 19.70
CA GLU A 260 4.30 -10.82 18.59
C GLU A 260 4.29 -12.35 18.47
N CYS A 261 3.80 -12.87 17.35
CA CYS A 261 3.57 -14.31 17.24
C CYS A 261 4.87 -15.05 17.47
N GLY A 262 4.79 -16.18 18.16
CA GLY A 262 5.96 -16.94 18.51
C GLY A 262 6.77 -16.22 19.59
S SO4 B . -12.23 1.96 -8.05
O1 SO4 B . -12.13 3.31 -8.61
O2 SO4 B . -12.41 1.92 -6.60
O3 SO4 B . -13.48 1.34 -8.58
O4 SO4 B . -11.15 1.15 -8.58
C1 GOL C . -5.99 4.70 8.11
O1 GOL C . -5.41 4.50 9.38
C2 GOL C . -5.64 3.52 7.20
O2 GOL C . -6.33 3.67 5.98
C3 GOL C . -6.05 2.21 7.86
O3 GOL C . -6.00 1.16 6.93
H11 GOL C . -5.61 5.62 7.67
H12 GOL C . -7.07 4.78 8.20
HO1 GOL C . -5.58 5.29 9.94
H2 GOL C . -4.57 3.50 7.02
HO2 GOL C . -6.12 2.91 5.39
H31 GOL C . -7.08 2.29 8.24
H32 GOL C . -5.40 1.99 8.70
HO3 GOL C . -5.08 0.79 6.91
C1 GOL D . -2.80 -18.97 -5.99
O1 GOL D . -2.80 -17.57 -5.95
C2 GOL D . -1.54 -19.49 -6.64
O2 GOL D . -0.77 -20.15 -5.65
C3 GOL D . -1.93 -20.45 -7.76
O3 GOL D . -0.83 -21.20 -8.21
H11 GOL D . -3.67 -19.32 -6.54
H12 GOL D . -2.87 -19.36 -4.97
HO1 GOL D . -3.66 -17.25 -5.59
H2 GOL D . -0.98 -18.65 -7.06
HO2 GOL D . -1.28 -20.88 -5.27
H31 GOL D . -2.35 -19.88 -8.59
H32 GOL D . -2.71 -21.13 -7.39
HO3 GOL D . -1.11 -21.84 -8.89
C ACT E . -17.67 -0.07 -3.02
O ACT E . -17.12 -0.11 -1.88
OXT ACT E . -18.54 -0.95 -3.24
CH3 ACT E . -17.33 0.94 -4.08
H1 ACT E . -17.93 0.76 -4.96
H2 ACT E . -16.27 0.85 -4.33
H3 ACT E . -17.52 1.95 -3.70
C1 5XO F . -3.27 -1.79 -1.75
C2 5XO F . -2.93 -2.73 -0.86
O3 5XO F . -3.59 -3.89 -1.06
N4 5XO F . -4.48 -3.60 -2.22
C5 5XO F . -4.26 -2.32 -2.62
C6 5XO F . -1.92 -2.61 0.17
N7 5XO F . -1.56 -3.73 0.87
N8 5XO F . -0.63 -3.33 1.66
N9 5XO F . -0.47 -2.02 1.41
N10 5XO F . -1.27 -1.48 0.45
C11 5XO F . 0.49 -1.20 2.10
C12 5XO F . 0.99 -2.31 6.23
C13 5XO F . 1.94 -2.69 5.27
C14 5XO F . 1.75 -2.34 3.92
C15 5XO F . 0.64 -1.57 3.56
C16 5XO F . -0.33 -1.19 4.52
C17 5XO F . -0.15 -1.57 5.87
O23 5XO F . -4.74 -1.64 -3.55
C24 5XO F . -2.80 -0.35 -1.93
C25 5XO F . -1.64 -0.17 -2.95
C26 5XO F . -1.80 1.06 -3.86
O27 5XO F . -0.79 1.77 -4.08
O28 5XO F . -2.93 1.26 -4.33
N29 5XO F . -0.28 -0.12 -2.34
C18 5XO F . 3.17 -3.50 5.69
H111 5XO F . 0.18 -0.15 2.02
H112 5XO F . 1.44 -1.28 1.59
H12 5XO F . 1.13 -2.59 7.26
H14 5XO F . 2.49 -2.61 3.17
H16 5XO F . -1.20 -0.61 4.22
H17 5XO F . -0.87 -1.28 6.62
H241 5XO F . -3.66 0.23 -2.28
H242 5XO F . -2.53 0.08 -0.98
H25 5XO F . -1.63 -1.03 -3.61
H292 5XO F . -0.18 0.72 -1.79
H291 5XO F . 0.36 -0.06 -3.12
H1 5XO F . 4.03 -3.23 5.08
H3 5XO F . 3.41 -3.32 6.73
H2 5XO F . 3.00 -4.57 5.55
H293 5XO F . -0.08 -0.93 -1.78
C1 EDO G . 11.82 -6.56 0.30
O1 EDO G . 11.60 -5.59 -0.73
C2 EDO G . 11.85 -5.84 1.66
O2 EDO G . 12.82 -4.78 1.65
H11 EDO G . 11.01 -7.29 0.28
H12 EDO G . 12.77 -7.07 0.13
HO1 EDO G . 11.58 -6.03 -1.59
H21 EDO G . 12.09 -6.57 2.44
H22 EDO G . 10.85 -5.44 1.88
HO2 EDO G . 12.82 -4.35 2.52
#